data_5CMC
#
_entry.id   5CMC
#
_cell.length_a   45.899
_cell.length_b   123.138
_cell.length_c   54.507
_cell.angle_alpha   90.00
_cell.angle_beta   111.72
_cell.angle_gamma   90.00
#
_symmetry.space_group_name_H-M   'P 1 21 1'
#
loop_
_entity.id
_entity.type
_entity.pdbx_description
1 polymer 'ML032222a iGluR'
2 non-polymer GLYCINE
3 non-polymer 'MAGNESIUM ION'
4 non-polymer 'SULFATE ION'
5 water water
#
_entity_poly.entity_id   1
_entity_poly.type   'polypeptide(L)'
_entity_poly.pdbx_seq_one_letter_code
;GSKNLIGRHLRLGSVESQPFMFFATEGCEGNDCWSGMVNDMVVKLSEDLGFTYEYIQPDDRKFGALNKTTNEWNGMIRDL
LDDKTDMIAIDLSTNSARKSAIDYSFPFMDAGIKAVVKGEGTTLNQVLELLDQDKYKWGVIGSRHPETLLKTHRDSRYSR
LVDEGVELKDLNHAIETLRGGLFVFIDEGPVLAHNLISDCDVFSVGEEFQSFEYAFGLPKDSPYKSLIDSHLLKFREEGF
IDILWEKWSSGNSVCS
;
_entity_poly.pdbx_strand_id   A,B
#
loop_
_chem_comp.id
_chem_comp.type
_chem_comp.name
_chem_comp.formula
MG non-polymer 'MAGNESIUM ION' 'Mg 2'
SO4 non-polymer 'SULFATE ION' 'O4 S -2'
#
# COMPACT_ATOMS: atom_id res chain seq x y z
N LEU A 5 -2.44 10.61 -22.73
CA LEU A 5 -1.76 11.80 -22.22
C LEU A 5 -0.82 12.39 -23.27
N ILE A 6 -0.69 11.69 -24.39
CA ILE A 6 0.21 12.13 -25.42
C ILE A 6 -0.20 13.50 -25.95
N GLY A 7 0.68 14.48 -25.81
CA GLY A 7 0.38 15.84 -26.21
C GLY A 7 -0.24 16.72 -25.12
N ARG A 8 -0.76 16.11 -24.06
CA ARG A 8 -1.43 16.83 -22.99
C ARG A 8 -0.44 17.58 -22.12
N HIS A 9 -0.95 18.62 -21.44
CA HIS A 9 -0.16 19.38 -20.48
C HIS A 9 -0.78 19.21 -19.11
N LEU A 10 0.02 18.79 -18.14
CA LEU A 10 -0.47 18.62 -16.77
C LEU A 10 0.08 19.69 -15.85
N ARG A 11 -0.82 20.33 -15.11
CA ARG A 11 -0.47 21.27 -14.06
C ARG A 11 -0.38 20.46 -12.77
N LEU A 12 0.81 20.38 -12.16
CA LEU A 12 1.05 19.47 -11.05
C LEU A 12 1.20 20.26 -9.76
N GLY A 13 0.34 20.02 -8.79
CA GLY A 13 0.51 20.63 -7.49
C GLY A 13 1.67 20.00 -6.73
N SER A 14 2.48 20.83 -6.11
CA SER A 14 3.59 20.32 -5.31
C SER A 14 4.09 21.41 -4.38
N VAL A 15 4.96 21.02 -3.44
CA VAL A 15 5.63 21.92 -2.52
C VAL A 15 6.92 21.24 -2.12
N GLU A 16 7.85 21.98 -1.55
CA GLU A 16 9.03 21.35 -1.00
C GLU A 16 8.64 20.37 0.11
N SER A 17 9.22 19.18 0.06
CA SER A 17 8.94 18.09 0.98
C SER A 17 10.09 17.12 0.88
N GLN A 18 11.19 17.40 1.56
CA GLN A 18 12.41 16.63 1.35
C GLN A 18 12.26 15.22 1.94
N PRO A 19 12.72 14.18 1.21
CA PRO A 19 13.50 14.16 -0.03
C PRO A 19 12.63 13.90 -1.26
N PHE A 20 11.32 14.00 -1.09
CA PHE A 20 10.38 13.82 -2.20
C PHE A 20 10.48 14.96 -3.20
N MET A 21 10.54 16.19 -2.71
CA MET A 21 10.74 17.37 -3.54
C MET A 21 11.62 18.37 -2.83
N PHE A 22 12.55 18.93 -3.60
CA PHE A 22 13.37 20.08 -3.23
C PHE A 22 13.01 21.18 -4.24
N PHE A 23 12.70 22.38 -3.75
CA PHE A 23 12.43 23.52 -4.61
C PHE A 23 13.52 24.58 -4.44
N ALA A 24 14.21 24.88 -5.52
CA ALA A 24 15.19 25.96 -5.52
C ALA A 24 14.47 27.27 -5.75
N THR A 25 14.77 28.26 -4.91
CA THR A 25 14.08 29.55 -4.92
C THR A 25 14.80 30.58 -5.78
N GLU A 26 15.91 30.18 -6.38
CA GLU A 26 16.73 31.04 -7.26
C GLU A 26 17.65 30.14 -8.09
N GLY A 27 18.23 30.69 -9.16
CA GLY A 27 19.28 30.00 -9.88
C GLY A 27 18.76 28.88 -10.77
N CYS A 28 17.52 29.01 -11.20
CA CYS A 28 16.87 27.97 -11.97
C CYS A 28 15.68 28.57 -12.64
N GLU A 29 15.13 27.86 -13.61
N GLU A 29 15.16 27.88 -13.64
CA GLU A 29 13.90 28.31 -14.27
CA GLU A 29 13.92 28.29 -14.31
C GLU A 29 12.96 27.14 -14.49
C GLU A 29 12.96 27.11 -14.43
N GLY A 30 11.67 27.39 -14.25
CA GLY A 30 10.64 26.42 -14.57
C GLY A 30 10.80 25.10 -13.84
N ASN A 31 10.65 24.01 -14.58
CA ASN A 31 10.70 22.70 -13.97
C ASN A 31 12.05 22.36 -13.35
N ASP A 32 13.11 23.00 -13.84
N ASP A 32 13.14 22.97 -13.83
CA ASP A 32 14.46 22.73 -13.36
CA ASP A 32 14.46 22.60 -13.30
C ASP A 32 14.67 23.17 -11.92
C ASP A 32 14.74 23.26 -11.94
N CYS A 33 13.78 24.00 -11.41
CA CYS A 33 13.83 24.40 -9.99
C CYS A 33 13.48 23.23 -9.06
N TRP A 34 12.95 22.15 -9.60
CA TRP A 34 12.47 21.04 -8.77
C TRP A 34 13.40 19.84 -8.93
N SER A 35 13.61 19.13 -7.83
CA SER A 35 14.37 17.89 -7.86
C SER A 35 13.87 17.01 -6.72
N GLY A 36 14.26 15.75 -6.75
CA GLY A 36 13.86 14.84 -5.69
C GLY A 36 13.24 13.58 -6.22
N MET A 37 12.83 12.70 -5.31
CA MET A 37 12.26 11.43 -5.69
C MET A 37 11.00 11.61 -6.53
N VAL A 38 10.10 12.47 -6.09
CA VAL A 38 8.85 12.66 -6.85
C VAL A 38 9.16 13.32 -8.20
N ASN A 39 10.07 14.29 -8.22
CA ASN A 39 10.44 14.87 -9.51
C ASN A 39 10.96 13.79 -10.48
N ASP A 40 11.81 12.89 -10.01
CA ASP A 40 12.30 11.81 -10.88
C ASP A 40 11.14 10.94 -11.39
N MET A 41 10.14 10.71 -10.54
CA MET A 41 8.97 9.94 -10.96
C MET A 41 8.19 10.68 -12.05
N VAL A 42 8.01 11.99 -11.87
CA VAL A 42 7.26 12.78 -12.82
C VAL A 42 8.00 12.83 -14.14
N VAL A 43 9.31 13.03 -14.10
CA VAL A 43 10.10 13.10 -15.34
C VAL A 43 9.93 11.79 -16.12
N LYS A 44 10.02 10.65 -15.45
CA LYS A 44 9.87 9.36 -16.13
C LYS A 44 8.44 9.18 -16.65
N LEU A 45 7.44 9.56 -15.85
CA LEU A 45 6.06 9.51 -16.34
C LEU A 45 5.90 10.34 -17.61
N SER A 46 6.48 11.54 -17.61
N SER A 46 6.49 11.54 -17.63
CA SER A 46 6.37 12.44 -18.74
CA SER A 46 6.33 12.43 -18.78
C SER A 46 6.98 11.81 -20.00
C SER A 46 7.01 11.87 -20.03
N GLU A 47 8.15 11.20 -19.83
CA GLU A 47 8.84 10.54 -20.93
C GLU A 47 8.03 9.36 -21.48
N ASP A 48 7.48 8.55 -20.59
CA ASP A 48 6.76 7.35 -21.02
C ASP A 48 5.37 7.65 -21.57
N LEU A 49 4.71 8.66 -21.01
CA LEU A 49 3.33 8.95 -21.36
C LEU A 49 3.19 10.12 -22.34
N GLY A 50 4.24 10.92 -22.51
CA GLY A 50 4.26 11.92 -23.58
C GLY A 50 3.61 13.26 -23.25
N PHE A 51 3.39 13.54 -21.96
CA PHE A 51 2.80 14.81 -21.57
C PHE A 51 3.89 15.82 -21.23
N THR A 52 3.56 17.10 -21.34
CA THR A 52 4.37 18.16 -20.75
C THR A 52 3.76 18.52 -19.41
N TYR A 53 4.51 19.23 -18.57
CA TYR A 53 4.00 19.57 -17.24
C TYR A 53 4.66 20.82 -16.70
N GLU A 54 4.06 21.35 -15.65
CA GLU A 54 4.65 22.38 -14.83
C GLU A 54 4.20 22.13 -13.41
N TYR A 55 4.92 22.69 -12.46
CA TYR A 55 4.57 22.57 -11.05
C TYR A 55 3.95 23.88 -10.55
N ILE A 56 2.86 23.77 -9.77
CA ILE A 56 2.16 24.92 -9.20
C ILE A 56 2.05 24.71 -7.69
N GLN A 57 2.63 25.63 -6.94
CA GLN A 57 2.56 25.58 -5.49
C GLN A 57 1.37 26.36 -4.99
N PRO A 58 0.71 25.87 -3.94
CA PRO A 58 -0.36 26.67 -3.34
C PRO A 58 0.20 27.92 -2.69
N ASP A 59 -0.51 29.03 -2.83
CA ASP A 59 -0.05 30.27 -2.24
C ASP A 59 0.14 30.14 -0.72
N ASP A 60 -0.71 29.35 -0.06
CA ASP A 60 -0.59 29.14 1.38
C ASP A 60 0.52 28.17 1.81
N ARG A 61 1.15 27.51 0.84
CA ARG A 61 2.25 26.55 1.05
C ARG A 61 1.89 25.39 1.98
N LYS A 62 0.61 25.05 2.03
CA LYS A 62 0.15 23.92 2.86
C LYS A 62 -0.12 22.66 2.03
N PHE A 63 -0.10 21.51 2.70
CA PHE A 63 -0.48 20.25 2.06
C PHE A 63 -1.99 20.24 1.84
N GLY A 64 -2.75 20.37 2.91
CA GLY A 64 -4.19 20.51 2.78
C GLY A 64 -4.96 19.76 3.83
N ALA A 65 -5.89 20.45 4.46
CA ALA A 65 -6.78 19.88 5.44
C ALA A 65 -8.13 20.56 5.33
N LEU A 66 -9.15 19.93 5.89
CA LEU A 66 -10.50 20.45 5.87
C LEU A 66 -10.76 21.19 7.18
N ASN A 67 -11.05 22.47 7.08
CA ASN A 67 -11.39 23.29 8.24
C ASN A 67 -12.83 23.00 8.62
N LYS A 68 -13.05 22.47 9.82
CA LYS A 68 -14.40 22.01 10.20
C LYS A 68 -15.32 23.16 10.58
N THR A 69 -14.76 24.34 10.77
CA THR A 69 -15.57 25.53 11.00
C THR A 69 -16.22 26.00 9.71
N THR A 70 -15.42 26.10 8.65
CA THR A 70 -15.85 26.67 7.38
C THR A 70 -16.22 25.61 6.35
N ASN A 71 -15.84 24.36 6.62
CA ASN A 71 -16.00 23.28 5.65
C ASN A 71 -15.28 23.60 4.33
N GLU A 72 -14.14 24.27 4.44
CA GLU A 72 -13.31 24.57 3.28
C GLU A 72 -11.92 23.97 3.41
N TRP A 73 -11.38 23.58 2.26
CA TRP A 73 -10.03 23.05 2.15
C TRP A 73 -9.01 24.17 1.92
N ASN A 74 -7.75 23.85 2.21
CA ASN A 74 -6.64 24.72 1.87
C ASN A 74 -5.55 23.92 1.16
N GLY A 75 -4.41 24.54 0.93
CA GLY A 75 -3.26 23.84 0.43
C GLY A 75 -3.39 23.29 -0.99
N MET A 76 -2.59 22.27 -1.28
CA MET A 76 -2.60 21.63 -2.58
C MET A 76 -3.97 21.02 -2.85
N ILE A 77 -4.62 20.52 -1.82
CA ILE A 77 -5.95 19.92 -1.99
C ILE A 77 -6.91 20.97 -2.56
N ARG A 78 -6.93 22.15 -1.96
CA ARG A 78 -7.82 23.21 -2.42
C ARG A 78 -7.49 23.64 -3.85
N ASP A 79 -6.20 23.74 -4.19
CA ASP A 79 -5.85 24.12 -5.55
C ASP A 79 -6.39 23.10 -6.56
N LEU A 80 -6.32 21.82 -6.20
CA LEU A 80 -6.83 20.78 -7.07
C LEU A 80 -8.36 20.90 -7.21
N LEU A 81 -9.05 21.09 -6.09
CA LEU A 81 -10.50 21.24 -6.12
C LEU A 81 -10.93 22.47 -6.91
N ASP A 82 -10.10 23.50 -6.91
CA ASP A 82 -10.37 24.75 -7.64
C ASP A 82 -9.98 24.65 -9.11
N ASP A 83 -9.52 23.48 -9.55
CA ASP A 83 -9.07 23.26 -10.93
C ASP A 83 -7.91 24.19 -11.32
N LYS A 84 -7.03 24.47 -10.36
CA LYS A 84 -5.76 25.15 -10.66
C LYS A 84 -4.69 24.13 -11.04
N THR A 85 -4.89 22.87 -10.64
CA THR A 85 -3.98 21.77 -10.96
C THR A 85 -4.79 20.57 -11.44
N ASP A 86 -4.11 19.65 -12.13
CA ASP A 86 -4.68 18.41 -12.63
C ASP A 86 -4.34 17.18 -11.78
N MET A 87 -3.27 17.28 -11.02
CA MET A 87 -2.79 16.17 -10.20
C MET A 87 -1.89 16.77 -9.15
N ILE A 88 -1.87 16.18 -7.96
CA ILE A 88 -0.95 16.57 -6.92
C ILE A 88 0.18 15.54 -6.91
N ALA A 89 1.39 16.01 -7.22
CA ALA A 89 2.58 15.17 -7.32
C ALA A 89 3.47 15.46 -6.13
N ILE A 90 3.33 14.65 -5.09
N ILE A 90 3.35 14.63 -5.10
CA ILE A 90 4.03 14.85 -3.82
CA ILE A 90 4.11 14.79 -3.87
C ILE A 90 3.84 13.57 -3.02
C ILE A 90 3.84 13.55 -3.02
N ASP A 91 4.45 13.47 -1.84
CA ASP A 91 4.10 12.42 -0.88
C ASP A 91 2.74 12.76 -0.28
N LEU A 92 1.65 12.41 -0.96
CA LEU A 92 0.34 12.77 -0.45
C LEU A 92 -0.23 11.60 0.35
N SER A 93 -0.28 11.78 1.66
CA SER A 93 -0.74 10.73 2.53
C SER A 93 -2.22 10.46 2.33
N THR A 94 -2.59 9.19 2.41
CA THR A 94 -4.00 8.76 2.29
C THR A 94 -4.72 8.93 3.61
N ASN A 95 -5.81 9.67 3.60
CA ASN A 95 -6.70 9.77 4.77
C ASN A 95 -8.13 9.98 4.33
N SER A 96 -9.06 9.63 5.21
CA SER A 96 -10.46 9.63 4.86
C SER A 96 -10.99 11.04 4.57
N ALA A 97 -10.50 12.05 5.27
CA ALA A 97 -10.94 13.42 5.00
C ALA A 97 -10.66 13.78 3.53
N ARG A 98 -9.44 13.55 3.09
CA ARG A 98 -9.08 13.87 1.72
C ARG A 98 -9.88 13.02 0.73
N LYS A 99 -10.07 11.75 1.05
N LYS A 99 -10.07 11.75 1.07
CA LYS A 99 -10.77 10.84 0.16
CA LYS A 99 -10.78 10.81 0.20
C LYS A 99 -12.22 11.32 -0.08
C LYS A 99 -12.23 11.24 -0.05
N SER A 100 -12.80 12.03 0.89
N SER A 100 -12.81 12.00 0.87
CA SER A 100 -14.16 12.52 0.71
CA SER A 100 -14.16 12.52 0.66
C SER A 100 -14.23 13.60 -0.38
C SER A 100 -14.19 13.47 -0.53
N ALA A 101 -13.08 14.18 -0.73
CA ALA A 101 -13.04 15.28 -1.72
C ALA A 101 -12.30 14.95 -3.01
N ILE A 102 -11.28 14.11 -2.93
CA ILE A 102 -10.43 13.78 -4.07
C ILE A 102 -10.20 12.28 -4.15
N ASP A 103 -9.65 11.84 -5.27
CA ASP A 103 -9.16 10.49 -5.42
C ASP A 103 -7.65 10.47 -5.22
N TYR A 104 -7.14 9.26 -5.03
CA TYR A 104 -5.73 9.00 -4.98
C TYR A 104 -5.31 8.10 -6.12
N SER A 105 -4.05 8.22 -6.52
CA SER A 105 -3.48 7.30 -7.45
C SER A 105 -3.14 6.02 -6.71
N PHE A 106 -2.70 5.02 -7.47
CA PHE A 106 -2.09 3.87 -6.89
C PHE A 106 -0.96 4.31 -5.98
N PRO A 107 -0.81 3.68 -4.82
CA PRO A 107 0.22 4.15 -3.88
C PRO A 107 1.64 3.79 -4.33
N PHE A 108 2.60 4.66 -4.04
CA PHE A 108 4.00 4.37 -4.34
C PHE A 108 4.85 4.00 -3.13
N MET A 109 4.39 4.26 -1.92
CA MET A 109 5.21 4.02 -0.72
C MET A 109 4.31 3.83 0.48
N ASP A 110 4.70 2.92 1.36
CA ASP A 110 4.03 2.74 2.63
C ASP A 110 4.57 3.76 3.65
N ALA A 111 3.71 4.18 4.59
CA ALA A 111 4.13 5.10 5.64
C ALA A 111 3.27 4.97 6.90
N GLY A 112 3.80 5.47 8.02
CA GLY A 112 3.12 5.49 9.30
C GLY A 112 3.44 6.77 10.06
N ILE A 113 2.68 7.03 11.12
CA ILE A 113 2.94 8.15 12.01
C ILE A 113 4.06 7.81 12.97
N LYS A 114 4.97 8.75 13.20
CA LYS A 114 6.08 8.55 14.13
C LYS A 114 6.30 9.80 14.96
N ALA A 115 6.61 9.61 16.24
CA ALA A 115 6.89 10.73 17.14
C ALA A 115 8.35 10.69 17.61
N VAL A 116 9.00 11.85 17.66
CA VAL A 116 10.44 11.94 17.99
C VAL A 116 10.69 13.05 19.00
N VAL A 117 11.80 12.95 19.71
CA VAL A 117 12.16 13.95 20.72
C VAL A 117 13.67 14.07 20.85
N LYS A 118 14.16 15.28 21.12
CA LYS A 118 15.60 15.49 21.32
C LYS A 118 15.96 15.26 22.77
N GLY A 119 17.05 14.53 22.97
CA GLY A 119 17.57 14.28 24.30
C GLY A 119 17.46 12.83 24.66
N GLU A 120 18.57 12.26 25.10
CA GLU A 120 18.59 10.90 25.58
C GLU A 120 17.69 10.75 26.78
N GLY A 121 17.30 9.51 27.07
CA GLY A 121 16.63 9.19 28.31
C GLY A 121 15.32 9.91 28.54
N THR A 122 14.50 10.02 27.50
CA THR A 122 13.15 10.54 27.68
C THR A 122 12.35 9.55 28.50
N THR A 123 11.49 10.06 29.37
CA THR A 123 10.68 9.23 30.24
C THR A 123 9.39 8.78 29.54
N LEU A 124 9.04 9.46 28.45
CA LEU A 124 7.81 9.20 27.73
C LEU A 124 7.82 7.82 27.07
N ASN A 125 6.64 7.20 27.01
CA ASN A 125 6.48 5.89 26.39
C ASN A 125 5.45 5.93 25.26
N GLN A 126 4.47 6.81 25.39
CA GLN A 126 3.39 6.92 24.42
C GLN A 126 2.97 8.39 24.38
N VAL A 127 2.60 8.88 23.20
CA VAL A 127 2.33 10.31 23.04
C VAL A 127 1.17 10.83 23.91
N LEU A 128 0.19 9.99 24.21
CA LEU A 128 -0.94 10.45 25.05
C LEU A 128 -0.48 10.83 26.45
N GLU A 129 0.66 10.28 26.88
CA GLU A 129 1.20 10.60 28.19
C GLU A 129 1.58 12.07 28.29
N LEU A 130 1.75 12.72 27.15
CA LEU A 130 2.11 14.12 27.13
C LEU A 130 1.04 14.96 27.83
N LEU A 131 -0.22 14.48 27.81
CA LEU A 131 -1.32 15.24 28.41
C LEU A 131 -1.23 15.30 29.94
N ASP A 132 -0.49 14.39 30.54
CA ASP A 132 -0.41 14.28 32.01
C ASP A 132 0.95 14.71 32.56
N GLN A 133 1.54 15.72 31.93
CA GLN A 133 2.86 16.22 32.34
C GLN A 133 3.09 17.59 31.71
N ASP A 134 4.18 18.26 32.07
CA ASP A 134 4.47 19.57 31.49
C ASP A 134 5.97 19.85 31.37
N LYS A 135 6.76 18.78 31.48
CA LYS A 135 8.19 18.88 31.18
C LYS A 135 8.38 19.10 29.69
N TYR A 136 7.67 18.30 28.89
CA TYR A 136 7.76 18.37 27.43
C TYR A 136 6.57 19.10 26.80
N LYS A 137 6.87 19.90 25.79
CA LYS A 137 5.85 20.42 24.89
C LYS A 137 5.83 19.50 23.68
N TRP A 138 4.91 19.75 22.75
CA TRP A 138 4.79 18.88 21.58
C TRP A 138 4.02 19.59 20.48
N GLY A 139 4.01 19.01 19.28
CA GLY A 139 3.25 19.61 18.22
C GLY A 139 3.24 18.84 16.92
N VAL A 140 2.35 19.28 16.03
CA VAL A 140 2.22 18.76 14.67
C VAL A 140 2.19 19.96 13.73
N ILE A 141 2.53 19.73 12.47
CA ILE A 141 2.43 20.79 11.46
C ILE A 141 0.96 20.99 11.04
N GLY A 142 0.51 22.24 11.01
CA GLY A 142 -0.86 22.53 10.61
C GLY A 142 -1.12 22.22 9.16
N SER A 143 -2.31 21.68 8.92
CA SER A 143 -2.83 21.38 7.59
C SER A 143 -2.04 20.31 6.87
N ARG A 144 -1.48 19.40 7.64
CA ARG A 144 -0.74 18.28 7.12
C ARG A 144 -1.40 17.00 7.67
N HIS A 145 -1.10 15.86 7.06
CA HIS A 145 -1.78 14.62 7.37
C HIS A 145 -1.76 14.17 8.83
N PRO A 146 -0.61 14.22 9.52
CA PRO A 146 -0.63 13.74 10.91
C PRO A 146 -1.65 14.50 11.77
N GLU A 147 -1.71 15.81 11.64
CA GLU A 147 -2.71 16.60 12.35
C GLU A 147 -4.12 16.08 12.06
N THR A 148 -4.41 15.81 10.79
CA THR A 148 -5.72 15.28 10.42
C THR A 148 -5.98 13.93 11.05
N LEU A 149 -5.01 13.02 11.03
CA LEU A 149 -5.24 11.72 11.64
C LEU A 149 -5.49 11.83 13.13
N LEU A 150 -4.75 12.67 13.83
CA LEU A 150 -4.96 12.80 15.27
C LEU A 150 -6.30 13.45 15.56
N LYS A 151 -6.70 14.43 14.75
CA LYS A 151 -7.97 15.13 14.98
C LYS A 151 -9.20 14.30 14.65
N THR A 152 -9.02 13.28 13.81
CA THR A 152 -10.14 12.42 13.44
C THR A 152 -10.12 11.05 14.16
N HIS A 153 -9.08 10.76 14.93
CA HIS A 153 -8.99 9.51 15.70
C HIS A 153 -10.17 9.37 16.64
N ARG A 154 -10.66 8.14 16.77
N ARG A 154 -10.72 8.18 16.78
CA ARG A 154 -11.81 7.81 17.62
CA ARG A 154 -11.93 8.01 17.58
C ARG A 154 -11.65 8.28 19.03
C ARG A 154 -11.68 8.23 19.07
N ASP A 155 -10.41 8.19 19.50
CA ASP A 155 -10.05 8.56 20.87
C ASP A 155 -9.72 10.05 20.87
N SER A 156 -10.63 10.85 21.42
CA SER A 156 -10.53 12.31 21.35
C SER A 156 -9.37 12.89 22.16
N ARG A 157 -8.70 12.06 22.96
CA ARG A 157 -7.46 12.52 23.57
C ARG A 157 -6.43 12.90 22.50
N TYR A 158 -6.48 12.31 21.31
CA TYR A 158 -5.59 12.72 20.23
C TYR A 158 -5.94 14.09 19.70
N SER A 159 -7.22 14.44 19.70
CA SER A 159 -7.64 15.80 19.38
C SER A 159 -7.10 16.77 20.43
N ARG A 160 -7.12 16.35 21.69
CA ARG A 160 -6.51 17.15 22.74
C ARG A 160 -5.04 17.43 22.46
N LEU A 161 -4.29 16.42 22.03
CA LEU A 161 -2.88 16.60 21.74
C LEU A 161 -2.70 17.68 20.69
N VAL A 162 -3.51 17.65 19.65
CA VAL A 162 -3.40 18.65 18.61
C VAL A 162 -3.79 20.03 19.12
N ASP A 163 -4.96 20.13 19.76
CA ASP A 163 -5.49 21.42 20.19
C ASP A 163 -4.62 22.08 21.25
N GLU A 164 -3.95 21.29 22.07
CA GLU A 164 -3.17 21.82 23.19
C GLU A 164 -1.67 21.86 22.89
N GLY A 165 -1.30 21.44 21.69
CA GLY A 165 0.09 21.47 21.28
C GLY A 165 0.43 22.73 20.50
N VAL A 166 1.67 22.81 20.05
CA VAL A 166 2.10 23.91 19.21
C VAL A 166 1.72 23.60 17.76
N GLU A 167 1.17 24.59 17.06
CA GLU A 167 0.94 24.46 15.62
C GLU A 167 2.18 24.93 14.87
N LEU A 168 2.76 24.02 14.10
CA LEU A 168 4.00 24.30 13.40
C LEU A 168 3.69 24.68 11.96
N LYS A 169 4.52 25.55 11.38
CA LYS A 169 4.25 26.10 10.07
C LYS A 169 4.55 25.10 8.96
N ASP A 170 5.65 24.36 9.13
CA ASP A 170 6.21 23.51 8.08
C ASP A 170 7.35 22.71 8.68
N LEU A 171 8.00 21.88 7.87
CA LEU A 171 9.01 20.97 8.42
C LEU A 171 10.22 21.70 8.99
N ASN A 172 10.65 22.79 8.35
CA ASN A 172 11.78 23.55 8.87
C ASN A 172 11.48 24.08 10.25
N HIS A 173 10.30 24.67 10.42
CA HIS A 173 9.87 25.16 11.72
C HIS A 173 9.83 24.02 12.73
N ALA A 174 9.32 22.87 12.31
CA ALA A 174 9.18 21.74 13.24
C ALA A 174 10.53 21.17 13.70
N ILE A 175 11.46 21.02 12.77
CA ILE A 175 12.76 20.45 13.13
C ILE A 175 13.56 21.44 13.98
N GLU A 176 13.44 22.72 13.66
CA GLU A 176 14.06 23.77 14.47
C GLU A 176 13.56 23.66 15.92
N THR A 177 12.25 23.52 16.09
CA THR A 177 11.67 23.43 17.41
C THR A 177 12.11 22.15 18.12
N LEU A 178 12.11 21.03 17.39
CA LEU A 178 12.57 19.78 17.94
C LEU A 178 13.99 19.89 18.50
N ARG A 179 14.86 20.55 17.75
CA ARG A 179 16.27 20.65 18.13
C ARG A 179 16.47 21.60 19.31
N GLY A 180 15.49 22.46 19.56
CA GLY A 180 15.48 23.30 20.73
C GLY A 180 15.32 22.52 22.02
N GLY A 181 14.96 21.24 21.91
CA GLY A 181 14.85 20.36 23.05
C GLY A 181 13.52 20.42 23.79
N LEU A 182 13.23 19.40 24.58
CA LEU A 182 12.00 19.33 25.38
C LEU A 182 10.76 19.50 24.51
N PHE A 183 10.78 18.88 23.34
CA PHE A 183 9.68 19.01 22.38
C PHE A 183 9.50 17.72 21.59
N VAL A 184 8.28 17.19 21.63
CA VAL A 184 7.93 15.99 20.89
C VAL A 184 7.26 16.38 19.58
N PHE A 185 7.89 16.02 18.47
CA PHE A 185 7.36 16.31 17.14
C PHE A 185 6.73 15.03 16.60
N ILE A 186 5.46 15.12 16.22
CA ILE A 186 4.71 14.00 15.69
C ILE A 186 4.49 14.24 14.20
N ASP A 187 5.04 13.35 13.38
CA ASP A 187 4.91 13.47 11.94
C ASP A 187 4.96 12.08 11.30
N GLU A 188 5.63 11.94 10.15
CA GLU A 188 5.56 10.70 9.37
C GLU A 188 6.92 10.03 9.31
N GLY A 189 6.93 8.69 9.38
CA GLY A 189 8.16 7.91 9.41
C GLY A 189 9.21 8.22 8.34
N PRO A 190 8.81 8.19 7.06
CA PRO A 190 9.85 8.38 6.02
C PRO A 190 10.45 9.79 6.04
N VAL A 191 9.60 10.78 6.33
CA VAL A 191 10.02 12.18 6.43
C VAL A 191 11.02 12.35 7.54
N LEU A 192 10.74 11.73 8.68
CA LEU A 192 11.63 11.86 9.82
C LEU A 192 12.91 11.06 9.60
N ALA A 193 12.79 9.90 8.95
CA ALA A 193 13.96 9.07 8.64
C ALA A 193 14.99 9.88 7.85
N HIS A 194 14.52 10.55 6.81
CA HIS A 194 15.41 11.31 5.96
C HIS A 194 15.97 12.55 6.66
N ASN A 195 15.07 13.32 7.26
CA ASN A 195 15.43 14.67 7.70
C ASN A 195 16.15 14.72 9.05
N LEU A 196 16.13 13.63 9.79
CA LEU A 196 16.79 13.58 11.10
C LEU A 196 17.93 12.54 11.18
N ILE A 197 18.43 12.11 10.02
CA ILE A 197 19.46 11.09 9.99
C ILE A 197 20.72 11.47 10.76
N SER A 198 21.02 12.78 10.81
CA SER A 198 22.24 13.28 11.43
C SER A 198 22.05 13.64 12.91
N ASP A 199 20.79 13.77 13.32
CA ASP A 199 20.48 14.11 14.72
C ASP A 199 20.57 12.87 15.59
N CYS A 200 21.76 12.60 16.12
CA CYS A 200 22.01 11.39 16.88
C CYS A 200 21.44 11.51 18.30
N ASP A 201 21.07 12.71 18.70
CA ASP A 201 20.45 12.96 20.00
C ASP A 201 18.92 13.02 19.91
N VAL A 202 18.38 12.66 18.74
CA VAL A 202 16.93 12.59 18.55
C VAL A 202 16.47 11.14 18.53
N PHE A 203 15.46 10.85 19.35
CA PHE A 203 14.99 9.48 19.56
C PHE A 203 13.47 9.37 19.38
N SER A 204 12.99 8.14 19.23
N SER A 204 12.99 8.14 19.23
CA SER A 204 11.57 7.88 18.98
CA SER A 204 11.57 7.89 18.96
C SER A 204 10.77 7.82 20.27
C SER A 204 10.76 7.81 20.25
N VAL A 205 9.56 8.38 20.23
CA VAL A 205 8.63 8.30 21.35
C VAL A 205 7.50 7.34 20.97
N GLY A 206 7.42 6.23 21.68
CA GLY A 206 6.44 5.22 21.34
C GLY A 206 6.81 4.51 20.05
N GLU A 207 5.91 3.64 19.58
CA GLU A 207 6.08 2.95 18.31
C GLU A 207 5.36 3.73 17.25
N GLU A 208 5.62 3.43 15.97
CA GLU A 208 4.84 4.04 14.91
C GLU A 208 3.41 3.53 14.98
N PHE A 209 2.45 4.40 14.68
CA PHE A 209 1.04 4.00 14.69
C PHE A 209 0.32 4.56 13.48
N GLN A 210 -0.82 3.95 13.17
CA GLN A 210 -1.55 4.21 11.92
C GLN A 210 -0.77 3.68 10.72
N SER A 211 -1.47 3.07 9.79
CA SER A 211 -0.86 2.57 8.56
C SER A 211 -1.52 3.23 7.34
N PHE A 212 -0.74 3.84 6.45
CA PHE A 212 -1.29 4.51 5.29
C PHE A 212 -0.28 4.48 4.16
N GLU A 213 -0.58 5.16 3.07
CA GLU A 213 0.31 5.14 1.91
C GLU A 213 0.55 6.58 1.46
N TYR A 214 1.64 6.76 0.73
CA TYR A 214 1.83 7.96 -0.09
C TYR A 214 1.38 7.65 -1.51
N ALA A 215 0.64 8.59 -2.09
CA ALA A 215 0.15 8.48 -3.45
C ALA A 215 0.12 9.87 -4.05
N PHE A 216 -0.23 9.96 -5.32
CA PHE A 216 -0.55 11.24 -5.92
C PHE A 216 -2.06 11.53 -5.72
N GLY A 217 -2.43 12.80 -5.78
CA GLY A 217 -3.83 13.20 -5.68
C GLY A 217 -4.42 13.48 -7.03
N LEU A 218 -5.64 13.02 -7.27
CA LEU A 218 -6.30 13.21 -8.53
C LEU A 218 -7.72 13.71 -8.28
N PRO A 219 -8.22 14.59 -9.16
CA PRO A 219 -9.61 15.00 -9.03
C PRO A 219 -10.52 13.82 -9.35
N LYS A 220 -11.67 13.79 -8.71
CA LYS A 220 -12.65 12.76 -9.03
C LYS A 220 -12.97 12.82 -10.53
N ASP A 221 -13.13 11.65 -11.14
CA ASP A 221 -13.39 11.51 -12.59
C ASP A 221 -12.28 12.00 -13.51
N SER A 222 -11.08 12.14 -12.99
CA SER A 222 -9.94 12.48 -13.84
C SER A 222 -9.81 11.50 -14.98
N PRO A 223 -9.58 12.00 -16.19
CA PRO A 223 -9.35 11.09 -17.33
C PRO A 223 -7.96 10.48 -17.31
N TYR A 224 -7.11 10.90 -16.38
CA TYR A 224 -5.73 10.46 -16.37
C TYR A 224 -5.45 9.38 -15.31
N LYS A 225 -6.41 9.11 -14.44
CA LYS A 225 -6.16 8.22 -13.30
C LYS A 225 -5.71 6.81 -13.73
N SER A 226 -6.37 6.24 -14.73
N SER A 226 -6.39 6.24 -14.71
CA SER A 226 -6.09 4.87 -15.10
CA SER A 226 -6.10 4.85 -15.09
C SER A 226 -4.63 4.72 -15.53
C SER A 226 -4.66 4.68 -15.59
N LEU A 227 -4.18 5.63 -16.39
CA LEU A 227 -2.82 5.56 -16.92
C LEU A 227 -1.78 5.88 -15.86
N ILE A 228 -2.03 6.89 -15.05
CA ILE A 228 -1.10 7.23 -13.99
C ILE A 228 -0.99 6.04 -13.01
N ASP A 229 -2.13 5.44 -12.67
CA ASP A 229 -2.12 4.30 -11.76
C ASP A 229 -1.30 3.13 -12.33
N SER A 230 -1.51 2.77 -13.59
N SER A 230 -1.54 2.81 -13.60
CA SER A 230 -0.81 1.62 -14.12
CA SER A 230 -0.83 1.70 -14.24
C SER A 230 0.69 1.91 -14.24
C SER A 230 0.67 1.93 -14.20
N HIS A 231 1.07 3.15 -14.52
CA HIS A 231 2.49 3.47 -14.60
C HIS A 231 3.15 3.52 -13.21
N LEU A 232 2.44 4.04 -12.21
CA LEU A 232 2.98 4.00 -10.85
C LEU A 232 3.13 2.57 -10.33
N LEU A 233 2.17 1.71 -10.61
CA LEU A 233 2.26 0.32 -10.19
C LEU A 233 3.47 -0.33 -10.84
N LYS A 234 3.66 -0.07 -12.14
CA LYS A 234 4.83 -0.58 -12.84
C LYS A 234 6.14 -0.08 -12.19
N PHE A 235 6.20 1.21 -11.84
CA PHE A 235 7.40 1.73 -11.20
C PHE A 235 7.70 0.95 -9.92
N ARG A 236 6.65 0.69 -9.13
N ARG A 236 6.65 0.68 -9.14
CA ARG A 236 6.84 0.00 -7.88
CA ARG A 236 6.82 0.00 -7.87
C ARG A 236 7.29 -1.44 -8.11
C ARG A 236 7.26 -1.45 -8.08
N GLU A 237 6.57 -2.14 -8.98
CA GLU A 237 6.85 -3.54 -9.25
C GLU A 237 8.24 -3.74 -9.85
N GLU A 238 8.69 -2.81 -10.70
CA GLU A 238 9.98 -2.93 -11.34
C GLU A 238 11.15 -2.53 -10.43
N GLY A 239 10.86 -1.97 -9.26
CA GLY A 239 11.91 -1.57 -8.34
C GLY A 239 12.37 -0.14 -8.47
N PHE A 240 11.72 0.64 -9.33
CA PHE A 240 12.13 2.02 -9.55
C PHE A 240 11.94 2.87 -8.30
N ILE A 241 10.83 2.67 -7.60
CA ILE A 241 10.57 3.46 -6.41
C ILE A 241 11.66 3.19 -5.38
N ASP A 242 12.02 1.93 -5.19
N ASP A 242 12.05 1.93 -5.24
CA ASP A 242 13.09 1.59 -4.23
CA ASP A 242 13.06 1.57 -4.26
C ASP A 242 14.40 2.25 -4.64
C ASP A 242 14.43 2.14 -4.63
N ILE A 243 14.74 2.18 -5.92
CA ILE A 243 15.98 2.76 -6.41
C ILE A 243 16.00 4.27 -6.13
N LEU A 244 14.86 4.94 -6.34
CA LEU A 244 14.79 6.38 -6.05
C LEU A 244 14.89 6.66 -4.56
N TRP A 245 14.27 5.85 -3.72
CA TRP A 245 14.37 6.08 -2.28
C TRP A 245 15.82 5.94 -1.86
N GLU A 246 16.51 4.92 -2.38
CA GLU A 246 17.92 4.74 -2.06
C GLU A 246 18.76 5.92 -2.56
N LYS A 247 18.42 6.45 -3.73
CA LYS A 247 19.14 7.60 -4.28
C LYS A 247 18.98 8.85 -3.42
N TRP A 248 17.73 9.12 -2.99
CA TRP A 248 17.40 10.41 -2.41
C TRP A 248 17.44 10.45 -0.90
N SER A 249 17.19 9.34 -0.23
CA SER A 249 17.14 9.40 1.23
C SER A 249 18.54 9.17 1.76
N SER A 250 18.80 9.68 2.95
CA SER A 250 20.09 9.47 3.60
C SER A 250 19.93 8.35 4.64
N GLY A 251 20.98 7.55 4.89
CA GLY A 251 22.29 7.65 4.25
C GLY A 251 23.42 7.48 5.24
N GLY B 1 -21.39 7.68 -9.45
CA GLY B 1 -21.90 8.96 -8.87
C GLY B 1 -23.22 8.79 -8.15
N SER B 2 -24.31 8.79 -8.91
CA SER B 2 -25.64 8.63 -8.35
C SER B 2 -25.86 7.18 -7.92
N LYS B 3 -25.31 6.25 -8.68
CA LYS B 3 -25.38 4.83 -8.34
C LYS B 3 -24.63 4.54 -7.05
N ASN B 4 -25.35 4.05 -6.06
CA ASN B 4 -24.76 3.51 -4.84
C ASN B 4 -25.09 2.02 -4.75
N LEU B 5 -24.82 1.42 -3.59
CA LEU B 5 -24.99 -0.02 -3.42
C LEU B 5 -26.28 -0.42 -2.71
N ILE B 6 -27.10 0.56 -2.35
CA ILE B 6 -28.27 0.22 -1.55
C ILE B 6 -29.26 -0.62 -2.34
N GLY B 7 -29.57 -1.79 -1.81
CA GLY B 7 -30.48 -2.70 -2.46
C GLY B 7 -29.83 -3.57 -3.55
N ARG B 8 -28.57 -3.36 -3.88
CA ARG B 8 -27.89 -4.17 -4.88
C ARG B 8 -27.58 -5.55 -4.31
N HIS B 9 -27.42 -6.53 -5.18
CA HIS B 9 -26.96 -7.86 -4.84
C HIS B 9 -25.65 -8.13 -5.54
N LEU B 10 -24.57 -8.18 -4.78
CA LEU B 10 -23.24 -8.38 -5.34
C LEU B 10 -22.86 -9.85 -5.37
N ARG B 11 -22.25 -10.24 -6.47
CA ARG B 11 -21.63 -11.54 -6.57
C ARG B 11 -20.12 -11.35 -6.36
N LEU B 12 -19.58 -11.99 -5.33
CA LEU B 12 -18.21 -11.75 -4.91
C LEU B 12 -17.34 -12.96 -5.21
N GLY B 13 -16.28 -12.76 -5.97
CA GLY B 13 -15.34 -13.83 -6.24
C GLY B 13 -14.47 -14.10 -5.03
N SER B 14 -14.29 -15.37 -4.70
CA SER B 14 -13.44 -15.75 -3.59
C SER B 14 -13.08 -17.21 -3.71
N VAL B 15 -12.10 -17.61 -2.90
CA VAL B 15 -11.69 -19.01 -2.74
C VAL B 15 -11.14 -19.14 -1.32
N GLU B 16 -10.98 -20.36 -0.81
CA GLU B 16 -10.30 -20.52 0.45
C GLU B 16 -8.88 -20.01 0.33
N SER B 17 -8.48 -19.24 1.33
CA SER B 17 -7.17 -18.62 1.36
C SER B 17 -6.92 -18.23 2.82
N GLN B 18 -6.48 -19.17 3.64
CA GLN B 18 -6.42 -18.93 5.08
C GLN B 18 -5.30 -17.96 5.39
N PRO B 19 -5.53 -16.97 6.27
CA PRO B 19 -6.70 -16.79 7.16
C PRO B 19 -7.68 -15.74 6.65
N PHE B 20 -7.52 -15.33 5.39
CA PHE B 20 -8.42 -14.39 4.76
C PHE B 20 -9.82 -14.95 4.52
N MET B 21 -9.87 -16.20 4.05
CA MET B 21 -11.11 -16.92 3.85
C MET B 21 -10.92 -18.39 4.17
N PHE B 22 -11.94 -18.94 4.84
CA PHE B 22 -12.10 -20.35 5.14
C PHE B 22 -13.43 -20.74 4.50
N PHE B 23 -13.46 -21.86 3.77
CA PHE B 23 -14.66 -22.33 3.11
C PHE B 23 -15.01 -23.71 3.64
N ALA B 24 -16.17 -23.82 4.28
CA ALA B 24 -16.66 -25.11 4.77
C ALA B 24 -17.33 -25.84 3.62
N THR B 25 -16.99 -27.11 3.48
CA THR B 25 -17.49 -27.90 2.34
C THR B 25 -18.70 -28.73 2.68
N GLU B 26 -19.18 -28.63 3.91
CA GLU B 26 -20.37 -29.33 4.36
C GLU B 26 -20.91 -28.65 5.61
N GLY B 27 -22.14 -28.97 5.99
CA GLY B 27 -22.71 -28.48 7.22
C GLY B 27 -22.99 -26.98 7.24
N CYS B 28 -23.30 -26.43 6.07
CA CYS B 28 -23.54 -25.00 5.93
C CYS B 28 -24.24 -24.76 4.61
N GLU B 29 -24.84 -23.58 4.46
CA GLU B 29 -25.40 -23.19 3.19
C GLU B 29 -25.07 -21.74 2.93
N GLY B 30 -24.82 -21.42 1.68
CA GLY B 30 -24.69 -20.05 1.25
C GLY B 30 -23.54 -19.32 1.92
N ASN B 31 -23.78 -18.08 2.32
CA ASN B 31 -22.75 -17.24 2.90
C ASN B 31 -22.19 -17.82 4.18
N ASP B 32 -22.98 -18.63 4.88
CA ASP B 32 -22.54 -19.18 6.17
C ASP B 32 -21.42 -20.19 6.04
N CYS B 33 -21.15 -20.65 4.81
CA CYS B 33 -20.00 -21.52 4.58
C CYS B 33 -18.66 -20.78 4.65
N TRP B 34 -18.70 -19.45 4.67
CA TRP B 34 -17.50 -18.65 4.58
C TRP B 34 -17.21 -17.97 5.91
N SER B 35 -15.93 -17.86 6.25
CA SER B 35 -15.51 -17.16 7.45
C SER B 35 -14.09 -16.65 7.20
N GLY B 36 -13.62 -15.75 8.04
CA GLY B 36 -12.25 -15.26 7.95
C GLY B 36 -12.19 -13.75 7.92
N MET B 37 -10.96 -13.25 7.81
CA MET B 37 -10.73 -11.82 7.82
C MET B 37 -11.51 -11.10 6.71
N VAL B 38 -11.41 -11.60 5.49
CA VAL B 38 -12.10 -10.97 4.37
C VAL B 38 -13.62 -11.08 4.54
N ASN B 39 -14.11 -12.21 5.01
CA ASN B 39 -15.55 -12.35 5.25
C ASN B 39 -16.03 -11.29 6.26
N ASP B 40 -15.25 -11.06 7.32
CA ASP B 40 -15.62 -10.05 8.29
C ASP B 40 -15.67 -8.66 7.65
N MET B 41 -14.73 -8.37 6.75
CA MET B 41 -14.75 -7.11 6.00
C MET B 41 -15.98 -6.97 5.13
N VAL B 42 -16.33 -8.06 4.45
CA VAL B 42 -17.49 -8.03 3.55
C VAL B 42 -18.79 -7.84 4.36
N VAL B 43 -18.92 -8.55 5.48
CA VAL B 43 -20.11 -8.41 6.31
C VAL B 43 -20.30 -6.95 6.72
N LYS B 44 -19.23 -6.31 7.18
CA LYS B 44 -19.32 -4.92 7.57
C LYS B 44 -19.67 -3.99 6.40
N LEU B 45 -19.03 -4.21 5.26
CA LEU B 45 -19.36 -3.44 4.07
C LEU B 45 -20.83 -3.58 3.71
N SER B 46 -21.37 -4.80 3.79
N SER B 46 -21.33 -4.81 3.79
CA SER B 46 -22.75 -5.05 3.40
CA SER B 46 -22.73 -5.12 3.45
C SER B 46 -23.72 -4.34 4.34
C SER B 46 -23.67 -4.32 4.33
N GLU B 47 -23.38 -4.30 5.63
CA GLU B 47 -24.21 -3.61 6.60
C GLU B 47 -24.16 -2.11 6.36
N ASP B 48 -22.97 -1.57 6.15
CA ASP B 48 -22.83 -0.13 6.02
C ASP B 48 -23.32 0.42 4.68
N LEU B 49 -23.23 -0.39 3.62
CA LEU B 49 -23.54 0.10 2.27
C LEU B 49 -24.87 -0.42 1.75
N GLY B 50 -25.46 -1.38 2.46
CA GLY B 50 -26.83 -1.79 2.16
C GLY B 50 -27.03 -2.80 1.04
N PHE B 51 -25.99 -3.56 0.71
CA PHE B 51 -26.11 -4.59 -0.31
C PHE B 51 -26.26 -5.97 0.32
N THR B 52 -26.84 -6.89 -0.42
CA THR B 52 -26.73 -8.32 -0.13
C THR B 52 -25.65 -8.91 -1.05
N TYR B 53 -25.23 -10.14 -0.76
CA TYR B 53 -24.14 -10.70 -1.52
C TYR B 53 -24.16 -12.22 -1.48
N GLU B 54 -23.39 -12.81 -2.38
CA GLU B 54 -23.07 -14.22 -2.34
C GLU B 54 -21.64 -14.35 -2.84
N TYR B 55 -21.00 -15.46 -2.52
CA TYR B 55 -19.65 -15.74 -2.98
C TYR B 55 -19.68 -16.77 -4.11
N ILE B 56 -18.85 -16.56 -5.12
CA ILE B 56 -18.77 -17.45 -6.27
C ILE B 56 -17.31 -17.80 -6.49
N GLN B 57 -17.01 -19.08 -6.48
CA GLN B 57 -15.66 -19.56 -6.71
C GLN B 57 -15.47 -19.92 -8.15
N PRO B 58 -14.30 -19.62 -8.70
CA PRO B 58 -14.01 -20.07 -10.07
C PRO B 58 -13.91 -21.58 -10.11
N ASP B 59 -14.45 -22.17 -11.15
CA ASP B 59 -14.38 -23.61 -11.31
C ASP B 59 -12.94 -24.13 -11.30
N ASP B 60 -11.98 -23.36 -11.81
CA ASP B 60 -10.59 -23.77 -11.82
C ASP B 60 -9.87 -23.60 -10.47
N ARG B 61 -10.52 -22.93 -9.53
CA ARG B 61 -10.01 -22.66 -8.18
C ARG B 61 -8.67 -21.92 -8.19
N LYS B 62 -8.43 -21.13 -9.23
N LYS B 62 -8.45 -21.12 -9.23
CA LYS B 62 -7.22 -20.32 -9.33
CA LYS B 62 -7.22 -20.32 -9.35
C LYS B 62 -7.48 -18.88 -8.89
C LYS B 62 -7.45 -18.85 -9.00
N PHE B 63 -6.39 -18.18 -8.56
CA PHE B 63 -6.49 -16.75 -8.30
C PHE B 63 -6.62 -15.98 -9.62
N GLY B 64 -5.66 -16.18 -10.52
CA GLY B 64 -5.78 -15.68 -11.88
C GLY B 64 -4.50 -15.11 -12.43
N ALA B 65 -4.18 -15.55 -13.64
CA ALA B 65 -3.02 -15.12 -14.38
C ALA B 65 -3.38 -15.10 -15.86
N LEU B 66 -2.56 -14.38 -16.62
CA LEU B 66 -2.71 -14.25 -18.05
C LEU B 66 -1.86 -15.28 -18.78
N ASN B 67 -2.50 -16.08 -19.62
CA ASN B 67 -1.79 -17.05 -20.44
C ASN B 67 -1.29 -16.32 -21.67
N LYS B 68 0.03 -16.31 -21.86
N LYS B 68 0.02 -16.33 -21.86
CA LYS B 68 0.59 -15.57 -22.97
CA LYS B 68 0.64 -15.59 -22.96
C LYS B 68 0.37 -16.25 -24.32
C LYS B 68 0.56 -16.31 -24.30
N THR B 69 0.09 -17.54 -24.31
CA THR B 69 -0.21 -18.26 -25.55
C THR B 69 -1.58 -17.84 -26.09
N THR B 70 -2.58 -17.85 -25.21
CA THR B 70 -3.96 -17.61 -25.62
C THR B 70 -4.42 -16.17 -25.39
N ASN B 71 -3.64 -15.43 -24.61
CA ASN B 71 -4.04 -14.09 -24.18
C ASN B 71 -5.37 -14.09 -23.42
N GLU B 72 -5.64 -15.18 -22.70
CA GLU B 72 -6.83 -15.26 -21.86
C GLU B 72 -6.44 -15.43 -20.40
N TRP B 73 -7.32 -14.91 -19.55
CA TRP B 73 -7.22 -15.02 -18.12
C TRP B 73 -7.90 -16.28 -17.58
N ASN B 74 -7.59 -16.60 -16.34
CA ASN B 74 -8.24 -17.70 -15.64
C ASN B 74 -8.59 -17.26 -14.21
N GLY B 75 -9.07 -18.19 -13.39
CA GLY B 75 -9.30 -17.88 -12.00
C GLY B 75 -10.37 -16.85 -11.71
N MET B 76 -10.25 -16.25 -10.54
CA MET B 76 -11.17 -15.20 -10.15
C MET B 76 -11.11 -14.03 -11.09
N ILE B 77 -9.93 -13.73 -11.62
CA ILE B 77 -9.84 -12.61 -12.56
C ILE B 77 -10.76 -12.86 -13.76
N ARG B 78 -10.69 -14.05 -14.32
CA ARG B 78 -11.52 -14.37 -15.48
C ARG B 78 -13.00 -14.28 -15.17
N ASP B 79 -13.41 -14.77 -14.00
CA ASP B 79 -14.81 -14.71 -13.63
C ASP B 79 -15.28 -13.26 -13.56
N LEU B 80 -14.43 -12.38 -13.04
CA LEU B 80 -14.76 -10.96 -12.95
C LEU B 80 -14.89 -10.37 -14.36
N LEU B 81 -13.94 -10.65 -15.24
CA LEU B 81 -14.00 -10.15 -16.61
C LEU B 81 -15.23 -10.64 -17.35
N ASP B 82 -15.70 -11.84 -16.99
CA ASP B 82 -16.85 -12.47 -17.65
C ASP B 82 -18.18 -12.07 -17.01
N ASP B 83 -18.16 -11.14 -16.08
CA ASP B 83 -19.36 -10.65 -15.39
C ASP B 83 -20.06 -11.72 -14.57
N LYS B 84 -19.34 -12.75 -14.16
CA LYS B 84 -19.87 -13.71 -13.20
C LYS B 84 -19.83 -13.14 -11.78
N THR B 85 -18.91 -12.21 -11.54
CA THR B 85 -18.77 -11.54 -10.27
C THR B 85 -18.62 -10.04 -10.49
N ASP B 86 -18.85 -9.28 -9.42
CA ASP B 86 -18.79 -7.80 -9.40
C ASP B 86 -17.54 -7.28 -8.70
N MET B 87 -16.94 -8.12 -7.85
CA MET B 87 -15.80 -7.72 -7.07
C MET B 87 -15.13 -9.00 -6.61
N ILE B 88 -13.80 -9.01 -6.56
CA ILE B 88 -13.05 -10.13 -6.02
C ILE B 88 -12.70 -9.79 -4.58
N ALA B 89 -13.27 -10.55 -3.64
CA ALA B 89 -13.11 -10.29 -2.22
C ALA B 89 -12.19 -11.35 -1.67
N ILE B 90 -10.90 -11.04 -1.61
CA ILE B 90 -9.89 -12.00 -1.22
C ILE B 90 -8.60 -11.19 -1.00
N ASP B 91 -7.52 -11.83 -0.57
CA ASP B 91 -6.19 -11.22 -0.62
C ASP B 91 -5.71 -11.14 -2.07
N LEU B 92 -6.15 -10.13 -2.82
CA LEU B 92 -5.79 -10.07 -4.23
C LEU B 92 -4.56 -9.19 -4.39
N SER B 93 -3.44 -9.81 -4.70
CA SER B 93 -2.18 -9.08 -4.82
C SER B 93 -2.18 -8.17 -6.04
N THR B 94 -1.58 -7.00 -5.86
CA THR B 94 -1.45 -6.02 -6.94
C THR B 94 -0.28 -6.36 -7.85
N ASN B 95 -0.54 -6.54 -9.14
CA ASN B 95 0.52 -6.71 -10.12
C ASN B 95 0.10 -6.08 -11.45
N SER B 96 1.11 -5.75 -12.26
N SER B 96 1.09 -5.77 -12.27
CA SER B 96 0.88 -5.05 -13.50
CA SER B 96 0.86 -5.03 -13.50
C SER B 96 0.06 -5.84 -14.51
C SER B 96 0.08 -5.84 -14.53
N ALA B 97 0.26 -7.16 -14.55
CA ALA B 97 -0.52 -7.98 -15.48
C ALA B 97 -2.02 -7.82 -15.18
N ARG B 98 -2.39 -7.98 -13.93
CA ARG B 98 -3.80 -7.86 -13.54
C ARG B 98 -4.32 -6.44 -13.77
N LYS B 99 -3.49 -5.44 -13.51
CA LYS B 99 -3.89 -4.06 -13.68
C LYS B 99 -4.20 -3.77 -15.15
N SER B 100 -3.61 -4.50 -16.10
CA SER B 100 -3.97 -4.26 -17.50
C SER B 100 -5.41 -4.65 -17.82
N ALA B 101 -6.01 -5.51 -16.99
CA ALA B 101 -7.34 -6.05 -17.23
C ALA B 101 -8.41 -5.57 -16.27
N ILE B 102 -8.04 -5.34 -15.01
CA ILE B 102 -8.98 -4.98 -13.97
C ILE B 102 -8.44 -3.81 -13.16
N ASP B 103 -9.30 -3.25 -12.32
CA ASP B 103 -8.90 -2.28 -11.32
C ASP B 103 -8.77 -2.95 -9.96
N TYR B 104 -8.13 -2.24 -9.05
CA TYR B 104 -8.07 -2.63 -7.67
C TYR B 104 -8.79 -1.62 -6.80
N SER B 105 -9.30 -2.09 -5.67
CA SER B 105 -9.75 -1.20 -4.64
C SER B 105 -8.57 -0.57 -3.92
N PHE B 106 -8.87 0.35 -3.01
CA PHE B 106 -7.89 0.80 -2.05
C PHE B 106 -7.32 -0.42 -1.33
N PRO B 107 -6.02 -0.42 -1.05
CA PRO B 107 -5.42 -1.61 -0.43
C PRO B 107 -5.79 -1.76 1.04
N PHE B 108 -5.90 -3.00 1.50
CA PHE B 108 -6.15 -3.27 2.91
C PHE B 108 -4.92 -3.76 3.67
N MET B 109 -3.86 -4.23 3.00
CA MET B 109 -2.70 -4.83 3.71
C MET B 109 -1.49 -4.73 2.81
N ASP B 110 -0.34 -4.45 3.40
CA ASP B 110 0.90 -4.47 2.64
C ASP B 110 1.43 -5.93 2.63
N ALA B 111 2.12 -6.31 1.57
CA ALA B 111 2.65 -7.67 1.45
C ALA B 111 3.92 -7.70 0.58
N GLY B 112 4.67 -8.77 0.72
CA GLY B 112 5.87 -9.01 -0.07
C GLY B 112 5.99 -10.48 -0.41
N ILE B 113 6.88 -10.79 -1.35
CA ILE B 113 7.23 -12.18 -1.66
C ILE B 113 8.19 -12.74 -0.62
N LYS B 114 7.92 -13.98 -0.21
CA LYS B 114 8.75 -14.67 0.76
C LYS B 114 9.05 -16.07 0.28
N ALA B 115 10.32 -16.46 0.36
CA ALA B 115 10.75 -17.80 0.04
C ALA B 115 11.16 -18.50 1.31
N VAL B 116 10.77 -19.76 1.43
CA VAL B 116 11.09 -20.59 2.59
C VAL B 116 11.61 -21.95 2.13
N VAL B 117 12.31 -22.63 3.03
CA VAL B 117 13.02 -23.85 2.69
C VAL B 117 12.95 -24.83 3.86
N LYS B 118 12.81 -26.10 3.52
CA LYS B 118 13.00 -27.18 4.47
C LYS B 118 14.15 -28.04 3.99
N GLY B 119 15.12 -28.28 4.87
CA GLY B 119 16.25 -29.13 4.54
C GLY B 119 17.38 -28.99 5.53
N GLU B 120 18.00 -30.11 5.85
CA GLU B 120 19.22 -30.14 6.64
C GLU B 120 20.41 -30.00 5.70
N GLY B 121 21.56 -29.66 6.27
CA GLY B 121 22.79 -29.54 5.51
C GLY B 121 22.94 -28.16 4.89
N THR B 122 23.68 -28.09 3.78
CA THR B 122 23.86 -26.82 3.13
C THR B 122 22.51 -26.22 2.80
N THR B 123 22.42 -24.90 2.87
CA THR B 123 21.15 -24.25 2.55
C THR B 123 21.40 -23.18 1.50
N LEU B 124 20.40 -22.33 1.27
CA LEU B 124 20.48 -21.31 0.23
C LEU B 124 20.27 -19.94 0.82
N ASN B 125 20.90 -18.93 0.22
CA ASN B 125 20.76 -17.55 0.67
C ASN B 125 19.86 -16.71 -0.22
N GLN B 126 19.70 -17.11 -1.46
CA GLN B 126 18.92 -16.31 -2.39
C GLN B 126 18.33 -17.24 -3.44
N VAL B 127 17.09 -17.01 -3.85
CA VAL B 127 16.42 -17.99 -4.69
C VAL B 127 17.10 -18.31 -6.02
N LEU B 128 17.81 -17.36 -6.62
CA LEU B 128 18.45 -17.64 -7.90
C LEU B 128 19.52 -18.72 -7.77
N GLU B 129 20.02 -18.96 -6.57
CA GLU B 129 21.00 -20.03 -6.36
C GLU B 129 20.44 -21.39 -6.73
N LEU B 130 19.11 -21.51 -6.72
CA LEU B 130 18.47 -22.77 -7.06
C LEU B 130 18.86 -23.27 -8.45
N LEU B 131 19.13 -22.35 -9.37
CA LEU B 131 19.40 -22.72 -10.76
C LEU B 131 20.75 -23.43 -10.93
N ASP B 132 21.64 -23.30 -9.95
CA ASP B 132 23.01 -23.82 -10.09
C ASP B 132 23.29 -25.00 -9.16
N GLN B 133 22.25 -25.76 -8.83
CA GLN B 133 22.37 -26.87 -7.90
C GLN B 133 21.25 -27.86 -8.16
N ASP B 134 21.33 -29.05 -7.54
CA ASP B 134 20.24 -30.03 -7.66
C ASP B 134 19.91 -30.73 -6.34
N LYS B 135 20.36 -30.18 -5.22
CA LYS B 135 19.99 -30.72 -3.92
C LYS B 135 18.52 -30.41 -3.64
N TYR B 136 18.12 -29.16 -3.85
CA TYR B 136 16.76 -28.70 -3.56
C TYR B 136 15.93 -28.65 -4.82
N LYS B 137 14.68 -29.08 -4.73
CA LYS B 137 13.68 -28.74 -5.70
C LYS B 137 12.93 -27.49 -5.22
N TRP B 138 12.09 -26.93 -6.07
CA TRP B 138 11.40 -25.68 -5.70
C TRP B 138 10.14 -25.52 -6.54
N GLY B 139 9.30 -24.57 -6.16
CA GLY B 139 8.13 -24.30 -6.95
C GLY B 139 7.36 -23.09 -6.49
N VAL B 140 6.43 -22.68 -7.35
CA VAL B 140 5.41 -21.68 -7.07
C VAL B 140 4.06 -22.26 -7.46
N ILE B 141 2.99 -21.70 -6.90
CA ILE B 141 1.64 -22.09 -7.29
C ILE B 141 1.27 -21.49 -8.65
N GLY B 142 0.77 -22.32 -9.55
CA GLY B 142 0.35 -21.82 -10.84
C GLY B 142 -0.81 -20.86 -10.77
N SER B 143 -0.75 -19.84 -11.62
CA SER B 143 -1.80 -18.84 -11.80
C SER B 143 -2.09 -18.05 -10.54
N ARG B 144 -1.05 -17.77 -9.78
CA ARG B 144 -1.12 -17.00 -8.57
C ARG B 144 -0.05 -15.91 -8.68
N HIS B 145 -0.13 -14.87 -7.85
CA HIS B 145 0.70 -13.68 -8.00
C HIS B 145 2.23 -13.91 -7.97
N PRO B 146 2.77 -14.71 -7.04
CA PRO B 146 4.23 -14.88 -7.06
C PRO B 146 4.72 -15.38 -8.43
N GLU B 147 4.05 -16.37 -9.00
CA GLU B 147 4.43 -16.87 -10.31
C GLU B 147 4.45 -15.74 -11.33
N THR B 148 3.41 -14.90 -11.32
CA THR B 148 3.33 -13.79 -12.26
C THR B 148 4.50 -12.83 -12.05
N LEU B 149 4.81 -12.49 -10.81
CA LEU B 149 5.94 -11.58 -10.59
C LEU B 149 7.25 -12.17 -11.07
N LEU B 150 7.47 -13.45 -10.82
CA LEU B 150 8.71 -14.07 -11.28
C LEU B 150 8.76 -14.14 -12.80
N LYS B 151 7.65 -14.44 -13.44
CA LYS B 151 7.61 -14.56 -14.89
C LYS B 151 7.73 -13.22 -15.60
N THR B 152 7.39 -12.13 -14.91
CA THR B 152 7.45 -10.82 -15.55
C THR B 152 8.66 -9.98 -15.09
N HIS B 153 9.46 -10.50 -14.16
CA HIS B 153 10.66 -9.82 -13.66
C HIS B 153 11.59 -9.57 -14.83
N ARG B 154 12.25 -8.43 -14.87
N ARG B 154 12.24 -8.40 -14.81
CA ARG B 154 13.08 -8.14 -16.03
CA ARG B 154 13.21 -8.00 -15.83
C ARG B 154 14.40 -8.94 -16.05
C ARG B 154 14.30 -9.03 -16.05
N ASP B 155 14.73 -9.63 -14.95
CA ASP B 155 15.81 -10.63 -14.96
C ASP B 155 15.15 -11.98 -15.25
N SER B 156 15.36 -12.46 -16.48
N SER B 156 15.35 -12.46 -16.47
CA SER B 156 14.69 -13.67 -16.93
CA SER B 156 14.64 -13.67 -16.91
C SER B 156 15.17 -14.93 -16.24
C SER B 156 15.17 -14.95 -16.26
N ARG B 157 16.17 -14.85 -15.39
CA ARG B 157 16.51 -16.00 -14.55
C ARG B 157 15.31 -16.32 -13.62
N TYR B 158 14.49 -15.33 -13.27
CA TYR B 158 13.30 -15.61 -12.47
C TYR B 158 12.26 -16.38 -13.26
N SER B 159 12.17 -16.14 -14.55
CA SER B 159 11.32 -16.97 -15.42
C SER B 159 11.86 -18.40 -15.46
N ARG B 160 13.17 -18.56 -15.50
CA ARG B 160 13.75 -19.90 -15.43
C ARG B 160 13.31 -20.62 -14.16
N LEU B 161 13.32 -19.94 -13.02
CA LEU B 161 12.87 -20.56 -11.78
C LEU B 161 11.48 -21.10 -11.91
N VAL B 162 10.58 -20.34 -12.51
CA VAL B 162 9.22 -20.80 -12.66
C VAL B 162 9.17 -21.99 -13.63
N ASP B 163 9.81 -21.82 -14.79
CA ASP B 163 9.69 -22.81 -15.85
C ASP B 163 10.30 -24.16 -15.46
N GLU B 164 11.34 -24.13 -14.62
CA GLU B 164 12.10 -25.34 -14.26
C GLU B 164 11.71 -25.87 -12.88
N GLY B 165 10.80 -25.18 -12.20
CA GLY B 165 10.34 -25.62 -10.90
C GLY B 165 9.15 -26.52 -11.02
N VAL B 166 8.65 -26.99 -9.89
CA VAL B 166 7.46 -27.82 -9.86
C VAL B 166 6.23 -26.92 -9.94
N GLU B 167 5.23 -27.28 -10.74
CA GLU B 167 4.01 -26.48 -10.72
C GLU B 167 3.18 -27.03 -9.57
N LEU B 168 2.76 -26.14 -8.70
CA LEU B 168 2.01 -26.52 -7.53
C LEU B 168 0.57 -26.08 -7.76
N LYS B 169 -0.39 -26.86 -7.31
CA LYS B 169 -1.80 -26.63 -7.59
C LYS B 169 -2.39 -25.50 -6.76
N ASP B 170 -2.05 -25.47 -5.48
CA ASP B 170 -2.69 -24.61 -4.50
C ASP B 170 -1.87 -24.64 -3.23
N LEU B 171 -2.30 -23.91 -2.21
CA LEU B 171 -1.48 -23.79 -1.00
C LEU B 171 -1.36 -25.13 -0.29
N ASN B 172 -2.42 -25.92 -0.30
CA ASN B 172 -2.34 -27.23 0.37
C ASN B 172 -1.26 -28.09 -0.27
N HIS B 173 -1.25 -28.13 -1.59
CA HIS B 173 -0.27 -28.90 -2.35
C HIS B 173 1.15 -28.37 -2.11
N ALA B 174 1.29 -27.05 -2.12
CA ALA B 174 2.58 -26.42 -1.87
C ALA B 174 3.15 -26.73 -0.50
N ILE B 175 2.30 -26.63 0.53
CA ILE B 175 2.77 -26.85 1.89
C ILE B 175 3.05 -28.34 2.11
N GLU B 176 2.24 -29.23 1.54
CA GLU B 176 2.56 -30.66 1.60
C GLU B 176 3.93 -30.95 0.97
N THR B 177 4.18 -30.34 -0.19
CA THR B 177 5.44 -30.56 -0.88
C THR B 177 6.62 -30.00 -0.06
N LEU B 178 6.45 -28.80 0.47
CA LEU B 178 7.46 -28.20 1.33
C LEU B 178 7.79 -29.10 2.52
N ARG B 179 6.74 -29.63 3.15
CA ARG B 179 6.91 -30.45 4.33
C ARG B 179 7.57 -31.78 4.00
N GLY B 180 7.51 -32.19 2.75
CA GLY B 180 8.20 -33.38 2.29
C GLY B 180 9.72 -33.23 2.27
N GLY B 181 10.21 -32.00 2.31
CA GLY B 181 11.63 -31.74 2.52
C GLY B 181 12.42 -31.47 1.26
N LEU B 182 13.62 -30.91 1.44
CA LEU B 182 14.52 -30.55 0.34
C LEU B 182 13.78 -29.74 -0.73
N PHE B 183 13.08 -28.70 -0.27
CA PHE B 183 12.20 -27.96 -1.14
C PHE B 183 12.21 -26.49 -0.74
N VAL B 184 12.19 -25.62 -1.75
CA VAL B 184 11.98 -24.20 -1.56
C VAL B 184 10.63 -23.81 -2.15
N PHE B 185 9.78 -23.20 -1.34
CA PHE B 185 8.48 -22.70 -1.77
C PHE B 185 8.52 -21.18 -1.77
N ILE B 186 8.17 -20.55 -2.89
CA ILE B 186 8.19 -19.10 -3.05
C ILE B 186 6.74 -18.62 -3.12
N ASP B 187 6.33 -17.84 -2.13
CA ASP B 187 4.95 -17.35 -2.07
C ASP B 187 4.93 -15.98 -1.40
N GLU B 188 3.97 -15.73 -0.51
CA GLU B 188 3.70 -14.38 0.01
C GLU B 188 3.84 -14.36 1.52
N GLY B 189 4.44 -13.30 2.04
CA GLY B 189 4.75 -13.20 3.44
C GLY B 189 3.60 -13.49 4.40
N PRO B 190 2.46 -12.80 4.23
CA PRO B 190 1.41 -12.99 5.24
C PRO B 190 0.82 -14.39 5.21
N VAL B 191 0.73 -14.96 4.01
CA VAL B 191 0.19 -16.28 3.82
C VAL B 191 1.12 -17.29 4.52
N LEU B 192 2.41 -17.15 4.31
CA LEU B 192 3.34 -18.08 4.94
C LEU B 192 3.42 -17.85 6.45
N ALA B 193 3.36 -16.61 6.90
CA ALA B 193 3.40 -16.33 8.34
C ALA B 193 2.28 -17.08 9.05
N HIS B 194 1.09 -17.06 8.48
CA HIS B 194 -0.04 -17.70 9.10
C HIS B 194 0.07 -19.22 9.01
N ASN B 195 0.35 -19.72 7.82
CA ASN B 195 0.20 -21.13 7.54
C ASN B 195 1.36 -22.01 7.96
N LEU B 196 2.53 -21.40 8.20
CA LEU B 196 3.75 -22.16 8.55
C LEU B 196 4.19 -21.88 9.98
N ILE B 197 3.29 -21.34 10.78
CA ILE B 197 3.62 -20.92 12.13
C ILE B 197 4.16 -22.06 12.98
N SER B 198 3.70 -23.29 12.75
CA SER B 198 4.12 -24.43 13.56
C SER B 198 5.21 -25.26 12.90
N ASP B 199 5.71 -24.82 11.76
CA ASP B 199 6.72 -25.57 11.04
C ASP B 199 8.10 -25.11 11.46
N CYS B 200 8.61 -25.69 12.54
CA CYS B 200 9.83 -25.20 13.14
C CYS B 200 11.07 -25.57 12.33
N ASP B 201 10.91 -26.49 11.39
CA ASP B 201 11.99 -26.94 10.53
C ASP B 201 11.94 -26.29 9.14
N VAL B 202 11.18 -25.19 9.02
CA VAL B 202 11.12 -24.39 7.80
C VAL B 202 11.77 -23.04 8.10
N PHE B 203 12.67 -22.63 7.23
CA PHE B 203 13.48 -21.43 7.39
C PHE B 203 13.37 -20.51 6.17
N SER B 204 13.81 -19.28 6.30
CA SER B 204 13.78 -18.32 5.20
C SER B 204 14.91 -18.48 4.18
N VAL B 205 14.65 -17.93 3.00
N VAL B 205 14.63 -18.24 2.92
CA VAL B 205 15.63 -17.74 1.91
CA VAL B 205 15.67 -18.16 1.91
C VAL B 205 15.49 -16.34 1.27
C VAL B 205 15.82 -16.69 1.66
N GLY B 206 16.63 -15.74 0.90
N GLY B 206 16.72 -16.06 2.42
CA GLY B 206 16.64 -14.42 0.33
CA GLY B 206 16.99 -14.65 2.25
C GLY B 206 15.95 -14.22 -1.02
C GLY B 206 15.86 -13.77 2.72
N GLU B 207 15.51 -12.98 -1.21
N GLU B 207 15.92 -12.52 2.31
CA GLU B 207 14.79 -12.64 -2.42
CA GLU B 207 14.94 -11.51 2.67
C GLU B 207 15.34 -11.28 -2.78
C GLU B 207 13.71 -11.55 1.77
N GLU B 208 15.11 -10.33 -1.87
N GLU B 208 12.62 -10.93 2.22
CA GLU B 208 15.42 -8.89 -1.99
CA GLU B 208 11.48 -10.76 1.35
C GLU B 208 14.11 -8.15 -2.05
C GLU B 208 11.88 -9.82 0.22
N PHE B 209 13.04 -8.92 -2.29
N PHE B 209 11.23 -9.94 -0.93
CA PHE B 209 11.66 -8.52 -2.01
CA PHE B 209 11.55 -9.09 -2.08
C PHE B 209 11.04 -7.47 -2.94
C PHE B 209 10.29 -8.81 -2.86
N GLN B 210 9.80 -7.80 -3.28
N GLN B 210 10.33 -7.76 -3.69
CA GLN B 210 8.91 -6.91 -4.00
CA GLN B 210 9.12 -7.23 -4.33
C GLN B 210 8.05 -6.27 -2.91
C GLN B 210 8.15 -6.70 -3.28
N SER B 211 7.62 -5.03 -3.11
N SER B 211 7.64 -5.50 -3.50
CA SER B 211 6.61 -4.43 -2.22
CA SER B 211 6.68 -4.88 -2.57
C SER B 211 5.29 -4.21 -2.97
C SER B 211 5.35 -4.66 -3.28
N PHE B 212 4.23 -4.92 -2.57
CA PHE B 212 2.90 -4.81 -3.21
C PHE B 212 1.84 -4.76 -2.13
N GLU B 213 0.57 -4.80 -2.54
CA GLU B 213 -0.54 -4.69 -1.62
C GLU B 213 -1.52 -5.82 -1.88
N TYR B 214 -2.30 -6.13 -0.85
CA TYR B 214 -3.53 -6.87 -1.01
C TYR B 214 -4.68 -5.86 -1.11
N ALA B 215 -5.56 -6.08 -2.09
CA ALA B 215 -6.74 -5.26 -2.30
C ALA B 215 -7.86 -6.15 -2.79
N PHE B 216 -9.03 -5.57 -3.01
CA PHE B 216 -10.08 -6.27 -3.73
C PHE B 216 -9.97 -5.94 -5.22
N GLY B 217 -10.48 -6.83 -6.06
CA GLY B 217 -10.50 -6.61 -7.50
C GLY B 217 -11.83 -6.07 -7.97
N LEU B 218 -11.81 -5.11 -8.89
CA LEU B 218 -13.00 -4.49 -9.40
C LEU B 218 -12.91 -4.41 -10.92
N PRO B 219 -14.02 -4.58 -11.62
CA PRO B 219 -13.97 -4.41 -13.07
C PRO B 219 -13.75 -2.95 -13.41
N LYS B 220 -13.09 -2.70 -14.52
CA LYS B 220 -12.94 -1.33 -15.00
C LYS B 220 -14.34 -0.70 -15.15
N ASP B 221 -14.44 0.57 -14.78
CA ASP B 221 -15.68 1.34 -14.85
C ASP B 221 -16.76 0.85 -13.89
N SER B 222 -16.39 0.11 -12.86
CA SER B 222 -17.38 -0.27 -11.86
C SER B 222 -18.00 0.97 -11.22
N PRO B 223 -19.33 0.99 -11.08
CA PRO B 223 -19.95 2.13 -10.41
C PRO B 223 -19.78 2.06 -8.90
N TYR B 224 -19.18 0.99 -8.40
CA TYR B 224 -19.09 0.77 -6.95
C TYR B 224 -17.71 1.05 -6.37
N LYS B 225 -16.73 1.31 -7.21
CA LYS B 225 -15.37 1.46 -6.74
C LYS B 225 -15.20 2.61 -5.76
N SER B 226 -15.80 3.75 -6.02
N SER B 226 -15.80 3.75 -6.04
CA SER B 226 -15.57 4.90 -5.15
CA SER B 226 -15.60 4.92 -5.18
C SER B 226 -16.01 4.59 -3.73
C SER B 226 -16.04 4.64 -3.74
N LEU B 227 -17.19 4.01 -3.59
CA LEU B 227 -17.73 3.68 -2.26
C LEU B 227 -16.92 2.60 -1.60
N ILE B 228 -16.58 1.55 -2.33
CA ILE B 228 -15.78 0.48 -1.74
C ILE B 228 -14.44 1.05 -1.25
N ASP B 229 -13.80 1.87 -2.09
CA ASP B 229 -12.53 2.45 -1.70
C ASP B 229 -12.62 3.30 -0.43
N SER B 230 -13.63 4.18 -0.38
N SER B 230 -13.63 4.16 -0.34
CA SER B 230 -13.77 5.04 0.78
CA SER B 230 -13.68 5.04 0.82
C SER B 230 -13.91 4.19 2.05
C SER B 230 -14.01 4.27 2.10
N HIS B 231 -14.77 3.17 1.98
CA HIS B 231 -15.03 2.35 3.14
C HIS B 231 -13.83 1.52 3.54
N LEU B 232 -13.08 0.99 2.56
CA LEU B 232 -11.88 0.23 2.92
C LEU B 232 -10.82 1.14 3.54
N LEU B 233 -10.68 2.36 3.02
CA LEU B 233 -9.74 3.30 3.62
C LEU B 233 -10.13 3.59 5.07
N LYS B 234 -11.42 3.79 5.32
CA LYS B 234 -11.89 4.01 6.69
C LYS B 234 -11.59 2.80 7.59
N PHE B 235 -11.82 1.58 7.09
CA PHE B 235 -11.52 0.40 7.86
C PHE B 235 -10.05 0.43 8.27
N ARG B 236 -9.18 0.76 7.33
CA ARG B 236 -7.75 0.76 7.60
C ARG B 236 -7.38 1.84 8.61
N GLU B 237 -7.85 3.05 8.36
CA GLU B 237 -7.52 4.18 9.18
C GLU B 237 -8.03 4.01 10.62
N GLU B 238 -9.19 3.38 10.77
CA GLU B 238 -9.79 3.16 12.08
C GLU B 238 -9.18 2.01 12.83
N GLY B 239 -8.32 1.23 12.19
CA GLY B 239 -7.67 0.10 12.84
C GLY B 239 -8.41 -1.21 12.74
N PHE B 240 -9.49 -1.25 11.97
CA PHE B 240 -10.29 -2.46 11.87
C PHE B 240 -9.50 -3.58 11.20
N ILE B 241 -8.73 -3.26 10.18
CA ILE B 241 -7.98 -4.29 9.48
C ILE B 241 -6.97 -4.93 10.42
N ASP B 242 -6.28 -4.10 11.19
CA ASP B 242 -5.32 -4.63 12.16
C ASP B 242 -6.00 -5.55 13.21
N ILE B 243 -7.17 -5.15 13.68
CA ILE B 243 -7.92 -5.95 14.64
C ILE B 243 -8.30 -7.31 14.03
N LEU B 244 -8.72 -7.29 12.76
CA LEU B 244 -9.07 -8.54 12.09
C LEU B 244 -7.86 -9.44 11.87
N TRP B 245 -6.71 -8.86 11.54
CA TRP B 245 -5.52 -9.67 11.36
C TRP B 245 -5.15 -10.33 12.69
N GLU B 246 -5.25 -9.58 13.78
N GLU B 246 -5.25 -9.58 13.78
CA GLU B 246 -4.95 -10.14 15.09
CA GLU B 246 -4.95 -10.17 15.08
C GLU B 246 -5.95 -11.23 15.46
C GLU B 246 -5.95 -11.26 15.43
N LYS B 247 -7.20 -11.06 15.05
CA LYS B 247 -8.25 -12.05 15.32
C LYS B 247 -7.98 -13.37 14.59
N TRP B 248 -7.63 -13.28 13.31
CA TRP B 248 -7.64 -14.42 12.43
C TRP B 248 -6.27 -15.07 12.20
N SER B 249 -5.19 -14.33 12.29
CA SER B 249 -3.89 -14.92 12.01
C SER B 249 -3.41 -15.68 13.22
N SER B 250 -2.64 -16.72 12.96
CA SER B 250 -2.16 -17.61 14.02
C SER B 250 -1.17 -16.88 14.89
N GLY B 251 -1.19 -17.24 16.17
CA GLY B 251 -0.34 -16.63 17.17
C GLY B 251 0.37 -17.72 17.93
N ASN B 252 1.24 -17.31 18.85
CA ASN B 252 2.13 -18.26 19.50
C ASN B 252 2.94 -19.02 18.46
N SER B 253 3.64 -20.05 18.93
CA SER B 253 4.40 -20.92 18.07
C SER B 253 5.06 -21.90 19.02
N VAL B 254 4.86 -23.19 18.76
CA VAL B 254 5.50 -24.22 19.56
C VAL B 254 7.01 -24.06 19.42
N CYS B 255 7.42 -23.50 18.29
CA CYS B 255 8.83 -23.33 17.95
C CYS B 255 9.57 -22.46 18.97
N GLY C . 2.75 13.63 3.59
CA GLY C . 2.20 14.83 4.23
C GLY C . 0.74 15.02 3.86
O GLY C . 0.11 15.92 4.44
OXT GLY C . 0.24 14.31 2.97
H1 GLY C . 3.46 13.35 4.05
H2 GLY C . 2.13 12.98 3.56
H3 GLY C . 3.00 13.83 2.76
HA2 GLY C . 2.26 14.73 5.20
HA3 GLY C . 2.69 15.61 3.95
N GLY D . -2.56 -13.40 -2.92
CA GLY D . -2.42 -14.37 -4.05
C GLY D . -2.80 -13.77 -5.38
O GLY D . -2.59 -14.45 -6.40
OXT GLY D . -3.30 -12.63 -5.42
H1 GLY D . -2.02 -13.64 -2.25
H2 GLY D . -2.34 -12.58 -3.20
H3 GLY D . -3.41 -13.39 -2.63
HA2 GLY D . -1.51 -14.68 -4.09
HA3 GLY D . -3.00 -15.13 -3.89
MG MG E . 0.85 -0.47 1.28
S SO4 F . 15.04 -17.66 9.46
O1 SO4 F . 16.42 -17.63 8.97
O2 SO4 F . 15.04 -17.87 10.91
O3 SO4 F . 14.39 -16.38 9.17
O4 SO4 F . 14.31 -18.74 8.82
#